data_6KLG
#
_entry.id   6KLG
#
_cell.length_a   111.977
_cell.length_b   111.977
_cell.length_c   208.094
_cell.angle_alpha   90.000
_cell.angle_beta   90.000
_cell.angle_gamma   120.000
#
_symmetry.space_group_name_H-M   'P 61 2 2'
#
loop_
_entity.id
_entity.type
_entity.pdbx_description
1 polymer Laccase
2 branched 2-acetamido-2-deoxy-beta-D-glucopyranose-(1-4)-2-acetamido-2-deoxy-beta-D-glucopyranose
3 non-polymer 'COPPER (II) ION'
4 non-polymer 'OXYGEN MOLECULE'
5 non-polymer 2-acetamido-2-deoxy-beta-D-glucopyranose
6 water water
#
_entity_poly.entity_id   1
_entity_poly.type   'polypeptide(L)'
_entity_poly.pdbx_seq_one_letter_code
;SRNTHYDFVITETKVTRLCHEKTILAVNGQFPGPTIYARKDDVVIVNVYNQGYKNITLHWHGVDQPRNPWSDGPEYITQC
PIQPGANFTYKIIFTEEEGTLWWHAHSEFDRATVHGAIVIHPKRGTVYPYPKPHKEMPIILGEWWNADVEQILLESQRTG
GDVNISDANTINGQPGDFAPCSKEDTFKMSVEHGKTYLLRVINAGLTNEMFFAVAGHRLTVVGTDGRYLRPFTVDYILIS
PGQTMNMLLEANCATDGSANSRYYMAARPFFTNTAVNVDDKNTTAIVEYTDAPPSASAGPPDSPDLPAMDDIAAATAYTA
QLRSLVTKEHPIDVPMEVDEHMLVTISVNTIPCEPNKTCAGPGNNRLAASLNNVSFMNPTIDILDAYYDSISGVYEPDFP
NKPPFFFNFTAPNPPQDLWFTKRGTKVKVVEYGTILEVVFQDTAILGAESHPMHLHGFSFYVVGRGFGNFDKDKDPATYN
LVDPPYQNTVSVPTGGWAAMRFRAANPGVWFMHCHFDRHTVWGMDTVFIVKNGKGPDAQMMPRPPNMPKC
;
_entity_poly.pdbx_strand_id   A
#
# COMPACT_ATOMS: atom_id res chain seq x y z
N THR A 4 6.96 16.44 -18.10
CA THR A 4 7.47 16.19 -16.75
C THR A 4 7.00 17.17 -15.68
N HIS A 5 5.88 17.88 -15.91
CA HIS A 5 5.38 18.82 -14.92
C HIS A 5 3.86 18.73 -14.80
N TYR A 6 3.34 18.64 -13.58
CA TYR A 6 1.92 18.52 -13.33
C TYR A 6 1.46 19.57 -12.33
N ASP A 7 0.22 20.04 -12.53
CA ASP A 7 -0.48 20.81 -11.50
C ASP A 7 -1.55 19.91 -10.91
N PHE A 8 -1.43 19.64 -9.60
CA PHE A 8 -2.42 18.88 -8.83
C PHE A 8 -3.16 19.86 -7.93
N VAL A 9 -4.39 20.22 -8.29
CA VAL A 9 -5.21 21.09 -7.46
C VAL A 9 -6.09 20.21 -6.58
N ILE A 10 -5.94 20.34 -5.26
CA ILE A 10 -6.85 19.62 -4.37
C ILE A 10 -8.20 20.34 -4.38
N THR A 11 -9.25 19.64 -4.81
CA THR A 11 -10.56 20.27 -4.97
C THR A 11 -11.59 19.65 -4.05
N GLU A 12 -12.56 20.47 -3.64
CA GLU A 12 -13.80 19.97 -3.07
C GLU A 12 -14.71 19.61 -4.23
N THR A 13 -15.04 18.34 -4.37
CA THR A 13 -15.76 17.85 -5.54
C THR A 13 -16.96 17.04 -5.11
N LYS A 14 -18.13 17.36 -5.66
CA LYS A 14 -19.34 16.59 -5.40
C LYS A 14 -19.34 15.32 -6.22
N VAL A 15 -19.52 14.19 -5.56
CA VAL A 15 -19.50 12.88 -6.20
C VAL A 15 -20.65 12.06 -5.63
N THR A 16 -21.31 11.30 -6.48
CA THR A 16 -22.39 10.39 -6.09
C THR A 16 -21.99 8.95 -6.38
N ARG A 17 -22.06 8.10 -5.35
CA ARG A 17 -22.03 6.65 -5.48
C ARG A 17 -23.07 6.08 -4.53
N LEU A 18 -23.61 4.90 -4.87
CA LEU A 18 -24.66 4.25 -4.06
C LEU A 18 -25.84 5.21 -3.80
N CYS A 19 -26.09 6.11 -4.74
CA CYS A 19 -27.14 7.13 -4.63
C CYS A 19 -26.85 8.16 -3.55
N HIS A 20 -25.68 8.10 -2.91
CA HIS A 20 -25.33 9.07 -1.88
C HIS A 20 -24.37 10.08 -2.48
N GLU A 21 -24.77 11.34 -2.52
CA GLU A 21 -23.90 12.43 -2.94
C GLU A 21 -23.19 13.04 -1.74
N LYS A 22 -21.92 13.35 -1.91
CA LYS A 22 -21.17 14.07 -0.89
C LYS A 22 -20.08 14.88 -1.58
N THR A 23 -19.46 15.78 -0.82
CA THR A 23 -18.30 16.52 -1.27
C THR A 23 -17.05 15.84 -0.74
N ILE A 24 -16.20 15.37 -1.66
CA ILE A 24 -14.95 14.71 -1.30
C ILE A 24 -13.79 15.62 -1.67
N LEU A 25 -12.61 15.31 -1.13
CA LEU A 25 -11.37 15.85 -1.67
C LEU A 25 -10.98 15.04 -2.88
N ALA A 26 -10.62 15.72 -3.97
CA ALA A 26 -10.19 15.04 -5.18
C ALA A 26 -9.07 15.88 -5.77
N VAL A 27 -8.43 15.36 -6.80
CA VAL A 27 -7.34 16.06 -7.47
C VAL A 27 -7.83 16.46 -8.85
N ASN A 28 -7.80 17.76 -9.14
CA ASN A 28 -8.32 18.31 -10.40
C ASN A 28 -9.73 17.81 -10.69
N GLY A 29 -10.54 17.72 -9.63
CA GLY A 29 -11.91 17.23 -9.75
C GLY A 29 -12.06 15.79 -10.20
N GLN A 30 -11.01 14.97 -10.16
CA GLN A 30 -11.08 13.59 -10.64
C GLN A 30 -10.97 12.61 -9.47
N PHE A 31 -11.83 11.60 -9.47
CA PHE A 31 -11.82 10.52 -8.49
C PHE A 31 -12.02 9.17 -9.21
N PRO A 32 -10.98 8.29 -9.21
CA PRO A 32 -9.61 8.54 -8.75
C PRO A 32 -8.93 9.67 -9.50
N GLY A 33 -7.81 10.15 -8.99
CA GLY A 33 -7.13 11.28 -9.58
C GLY A 33 -6.37 10.90 -10.84
N PRO A 34 -5.73 11.89 -11.44
CA PRO A 34 -5.00 11.67 -12.69
C PRO A 34 -3.79 10.77 -12.52
N THR A 35 -3.41 10.16 -13.62
CA THR A 35 -2.25 9.29 -13.70
C THR A 35 -1.00 10.10 -14.02
N ILE A 36 0.08 9.86 -13.29
CA ILE A 36 1.36 10.43 -13.63
C ILE A 36 2.09 9.44 -14.55
N TYR A 37 2.52 9.93 -15.71
CA TYR A 37 3.28 9.12 -16.66
C TYR A 37 4.73 9.58 -16.64
N ALA A 38 5.65 8.62 -16.58
CA ALA A 38 7.06 8.93 -16.62
C ALA A 38 7.77 7.82 -17.36
N ARG A 39 9.04 8.04 -17.68
CA ARG A 39 9.91 6.96 -18.13
C ARG A 39 11.05 6.80 -17.14
N LYS A 40 11.62 5.60 -17.10
CA LYS A 40 12.64 5.28 -16.09
C LYS A 40 13.69 6.39 -16.03
N ASP A 41 14.02 6.80 -14.80
CA ASP A 41 14.99 7.83 -14.47
C ASP A 41 14.51 9.26 -14.72
N ASP A 42 13.24 9.48 -15.05
CA ASP A 42 12.74 10.85 -15.15
C ASP A 42 12.70 11.53 -13.79
N VAL A 43 12.74 12.86 -13.82
CA VAL A 43 12.41 13.70 -12.66
C VAL A 43 11.12 14.42 -13.01
N VAL A 44 10.10 14.26 -12.17
CA VAL A 44 8.79 14.84 -12.41
C VAL A 44 8.50 15.87 -11.31
N ILE A 45 8.00 17.04 -11.73
CA ILE A 45 7.63 18.11 -10.81
C ILE A 45 6.11 18.12 -10.69
N VAL A 46 5.59 18.18 -9.46
CA VAL A 46 4.15 18.30 -9.25
C VAL A 46 3.90 19.48 -8.33
N ASN A 47 3.26 20.52 -8.87
CA ASN A 47 2.82 21.64 -8.04
C ASN A 47 1.47 21.29 -7.43
N VAL A 48 1.39 21.25 -6.11
CA VAL A 48 0.16 20.88 -5.41
C VAL A 48 -0.47 22.15 -4.86
N TYR A 49 -1.68 22.45 -5.29
CA TYR A 49 -2.43 23.61 -4.81
C TYR A 49 -3.58 23.10 -3.95
N ASN A 50 -3.50 23.33 -2.64
CA ASN A 50 -4.58 22.90 -1.73
C ASN A 50 -5.71 23.92 -1.75
N GLN A 51 -6.72 23.70 -2.59
CA GLN A 51 -7.92 24.52 -2.59
C GLN A 51 -9.05 23.89 -1.80
N GLY A 52 -8.73 22.88 -0.98
CA GLY A 52 -9.74 22.18 -0.21
C GLY A 52 -9.82 22.71 1.21
N TYR A 53 -10.66 22.04 2.00
CA TYR A 53 -11.02 22.55 3.31
C TYR A 53 -10.09 22.10 4.43
N LYS A 54 -9.07 21.29 4.16
CA LYS A 54 -8.27 20.77 5.27
C LYS A 54 -6.80 20.62 4.90
N ASN A 55 -5.98 20.62 5.94
CA ASN A 55 -4.58 20.20 5.87
C ASN A 55 -4.43 18.91 5.06
N ILE A 56 -3.42 18.86 4.20
CA ILE A 56 -3.21 17.67 3.38
C ILE A 56 -1.75 17.55 2.99
N THR A 57 -1.34 16.33 2.65
CA THR A 57 -0.04 16.08 2.03
C THR A 57 -0.22 15.03 0.95
N LEU A 58 0.75 14.96 0.03
CA LEU A 58 0.76 13.92 -0.99
C LEU A 58 2.08 13.15 -0.92
N HIS A 59 2.02 11.88 -1.34
CA HIS A 59 3.15 10.96 -1.29
C HIS A 59 3.21 10.17 -2.60
N TRP A 60 4.43 9.90 -3.06
CA TRP A 60 4.66 9.17 -4.31
C TRP A 60 5.08 7.75 -3.91
N HIS A 61 4.08 6.86 -3.81
CA HIS A 61 4.28 5.60 -3.11
C HIS A 61 5.19 4.67 -3.90
N GLY A 62 6.25 4.18 -3.26
CA GLY A 62 7.17 3.29 -3.94
C GLY A 62 8.31 3.99 -4.67
N VAL A 63 8.32 5.32 -4.70
CA VAL A 63 9.43 6.06 -5.27
C VAL A 63 10.48 6.25 -4.18
N ASP A 64 11.72 5.80 -4.45
CA ASP A 64 12.80 5.91 -3.45
C ASP A 64 12.99 7.34 -2.96
N GLN A 65 12.94 8.31 -3.87
CA GLN A 65 13.25 9.70 -3.56
C GLN A 65 14.67 9.81 -3.00
N PRO A 66 15.70 9.37 -3.73
CA PRO A 66 17.06 9.35 -3.17
C PRO A 66 17.50 10.72 -2.67
N ARG A 67 17.92 10.76 -1.41
CA ARG A 67 18.40 11.97 -0.73
C ARG A 67 17.33 13.03 -0.59
N ASN A 68 16.06 12.70 -0.86
CA ASN A 68 15.01 13.70 -1.06
C ASN A 68 13.76 13.41 -0.22
N PRO A 69 13.89 13.26 1.11
CA PRO A 69 12.69 13.05 1.92
C PRO A 69 11.78 14.27 1.95
N TRP A 70 12.30 15.45 1.57
CA TRP A 70 11.52 16.68 1.59
C TRP A 70 10.26 16.56 0.74
N SER A 71 10.33 15.80 -0.37
CA SER A 71 9.19 15.61 -1.25
C SER A 71 8.48 14.26 -1.04
N ASP A 72 8.67 13.61 0.11
CA ASP A 72 8.09 12.28 0.31
C ASP A 72 6.66 12.32 0.86
N GLY A 73 6.31 13.31 1.68
CA GLY A 73 4.91 13.56 1.96
C GLY A 73 4.28 13.14 3.30
N PRO A 74 4.75 12.09 3.99
CA PRO A 74 3.97 11.62 5.15
C PRO A 74 3.85 12.69 6.23
N GLU A 75 2.60 12.98 6.61
CA GLU A 75 2.30 14.10 7.51
C GLU A 75 3.02 13.97 8.84
N TYR A 76 3.70 15.03 9.26
CA TYR A 76 4.46 15.13 10.52
C TYR A 76 5.66 14.20 10.56
N ILE A 77 5.98 13.51 9.46
CA ILE A 77 7.21 12.73 9.36
C ILE A 77 8.23 13.49 8.53
N THR A 78 7.89 13.84 7.27
CA THR A 78 8.82 14.63 6.49
C THR A 78 8.37 16.08 6.27
N GLN A 79 7.14 16.42 6.65
CA GLN A 79 6.66 17.78 6.44
C GLN A 79 5.47 18.01 7.34
N CYS A 80 5.27 19.27 7.67
CA CYS A 80 3.98 19.69 8.17
C CYS A 80 3.02 19.88 6.99
N PRO A 81 1.71 19.90 7.23
CA PRO A 81 0.75 19.80 6.12
C PRO A 81 0.71 21.05 5.25
N ILE A 82 0.28 20.84 4.00
CA ILE A 82 -0.12 21.94 3.12
C ILE A 82 -1.46 22.47 3.62
N GLN A 83 -1.47 23.70 4.14
CA GLN A 83 -2.69 24.25 4.70
C GLN A 83 -3.66 24.66 3.61
N PRO A 84 -4.95 24.76 3.92
CA PRO A 84 -5.90 25.21 2.90
C PRO A 84 -5.46 26.55 2.34
N GLY A 85 -5.50 26.67 1.01
CA GLY A 85 -5.05 27.85 0.33
C GLY A 85 -3.57 27.96 0.11
N ALA A 86 -2.76 27.01 0.62
CA ALA A 86 -1.32 27.01 0.38
C ALA A 86 -0.98 26.07 -0.77
N ASN A 87 0.27 26.09 -1.17
CA ASN A 87 0.73 25.21 -2.23
C ASN A 87 2.13 24.73 -1.88
N PHE A 88 2.53 23.65 -2.54
CA PHE A 88 3.86 23.10 -2.36
C PHE A 88 4.26 22.32 -3.60
N THR A 89 5.50 22.47 -4.01
CA THR A 89 6.01 21.82 -5.22
C THR A 89 6.81 20.58 -4.82
N TYR A 90 6.36 19.41 -5.27
CA TYR A 90 7.05 18.17 -5.00
C TYR A 90 7.95 17.83 -6.16
N LYS A 91 9.16 17.34 -5.86
CA LYS A 91 10.09 16.84 -6.86
C LYS A 91 10.12 15.32 -6.73
N ILE A 92 9.76 14.61 -7.80
CA ILE A 92 9.71 13.15 -7.79
C ILE A 92 10.90 12.64 -8.60
N ILE A 93 11.83 11.97 -7.94
CA ILE A 93 13.06 11.52 -8.57
C ILE A 93 12.93 10.02 -8.79
N PHE A 94 12.62 9.62 -10.02
CA PHE A 94 12.56 8.19 -10.33
C PHE A 94 13.96 7.67 -10.63
N THR A 95 14.25 6.45 -10.13
CA THR A 95 15.56 5.85 -10.40
C THR A 95 15.40 4.40 -10.83
N GLU A 96 15.42 3.46 -9.87
CA GLU A 96 15.36 2.04 -10.18
C GLU A 96 13.97 1.55 -10.60
N GLU A 97 12.93 2.37 -10.40
CA GLU A 97 11.55 1.91 -10.60
C GLU A 97 11.17 1.87 -12.08
N GLU A 98 10.51 0.78 -12.47
CA GLU A 98 9.98 0.68 -13.83
C GLU A 98 8.82 -0.30 -13.76
N GLY A 99 7.63 0.18 -14.11
CA GLY A 99 6.40 -0.58 -13.88
C GLY A 99 5.26 0.31 -13.41
N THR A 100 4.51 -0.15 -12.41
CA THR A 100 3.38 0.61 -11.88
C THR A 100 3.62 0.96 -10.42
N LEU A 101 3.48 2.24 -10.09
CA LEU A 101 3.41 2.70 -8.71
C LEU A 101 2.13 3.50 -8.58
N TRP A 102 2.03 4.30 -7.51
CA TRP A 102 0.83 5.13 -7.36
C TRP A 102 1.13 6.24 -6.37
N TRP A 103 0.25 7.25 -6.37
CA TRP A 103 0.40 8.40 -5.49
C TRP A 103 -0.86 8.52 -4.66
N HIS A 104 -0.72 9.10 -3.46
CA HIS A 104 -1.88 9.19 -2.60
C HIS A 104 -1.63 10.21 -1.49
N ALA A 105 -2.72 10.79 -0.99
CA ALA A 105 -2.58 11.66 0.17
C ALA A 105 -1.95 10.87 1.31
N HIS A 106 -1.17 11.56 2.13
CA HIS A 106 -0.53 10.86 3.26
C HIS A 106 -0.82 11.59 4.56
N SER A 107 -2.08 12.02 4.71
CA SER A 107 -2.60 12.72 5.88
C SER A 107 -3.92 12.11 6.27
N GLU A 108 -4.05 11.69 7.53
CA GLU A 108 -5.31 11.15 8.04
C GLU A 108 -5.83 10.06 7.10
N PHE A 109 -7.13 10.04 6.82
CA PHE A 109 -7.71 9.10 5.87
C PHE A 109 -7.94 9.73 4.48
N ASP A 110 -7.27 10.83 4.16
CA ASP A 110 -7.57 11.55 2.93
C ASP A 110 -7.35 10.70 1.68
N ARG A 111 -6.43 9.74 1.72
CA ARG A 111 -6.21 8.93 0.52
C ARG A 111 -7.41 8.07 0.16
N ALA A 112 -8.44 8.00 0.99
CA ALA A 112 -9.65 7.27 0.58
C ALA A 112 -10.16 7.76 -0.79
N THR A 113 -10.05 9.05 -1.06
CA THR A 113 -10.40 9.59 -2.38
C THR A 113 -9.25 10.27 -3.11
N VAL A 114 -8.20 10.66 -2.42
CA VAL A 114 -7.09 11.43 -3.02
C VAL A 114 -5.99 10.42 -3.35
N HIS A 115 -6.01 9.90 -4.58
CA HIS A 115 -5.05 8.90 -5.01
C HIS A 115 -5.16 8.68 -6.51
N GLY A 116 -4.09 8.15 -7.11
CA GLY A 116 -4.11 7.81 -8.51
C GLY A 116 -2.87 7.05 -8.90
N ALA A 117 -2.78 6.71 -10.17
CA ALA A 117 -1.74 5.81 -10.66
C ALA A 117 -0.45 6.54 -11.02
N ILE A 118 0.66 5.80 -11.00
CA ILE A 118 1.93 6.24 -11.58
C ILE A 118 2.39 5.15 -12.55
N VAL A 119 2.64 5.52 -13.80
CA VAL A 119 3.11 4.59 -14.82
C VAL A 119 4.52 5.00 -15.21
N ILE A 120 5.49 4.12 -14.98
CA ILE A 120 6.88 4.39 -15.37
C ILE A 120 7.21 3.42 -16.51
N HIS A 121 7.24 3.96 -17.75
CA HIS A 121 7.59 3.17 -18.93
C HIS A 121 9.10 2.93 -19.03
N PRO A 122 9.53 1.87 -19.72
CA PRO A 122 10.94 1.75 -20.09
C PRO A 122 11.46 3.03 -20.72
N LYS A 123 12.67 3.45 -20.33
CA LYS A 123 13.21 4.65 -20.93
C LYS A 123 13.54 4.41 -22.40
N ARG A 124 13.74 5.51 -23.14
CA ARG A 124 13.97 5.42 -24.57
C ARG A 124 15.19 4.55 -24.85
N GLY A 125 15.08 3.68 -25.84
CA GLY A 125 16.15 2.76 -26.14
C GLY A 125 16.08 1.44 -25.40
N THR A 126 15.12 1.27 -24.50
CA THR A 126 14.88 -0.01 -23.85
C THR A 126 13.44 -0.42 -24.08
N VAL A 127 13.15 -1.70 -23.82
CA VAL A 127 11.80 -2.24 -23.99
C VAL A 127 11.44 -3.09 -22.78
N TYR A 128 10.16 -3.44 -22.70
CA TYR A 128 9.69 -4.41 -21.74
C TYR A 128 10.41 -5.75 -21.93
N PRO A 129 10.57 -6.54 -20.87
CA PRO A 129 11.08 -7.91 -21.03
C PRO A 129 10.05 -8.88 -21.58
N TYR A 130 8.86 -8.41 -21.88
CA TYR A 130 7.79 -9.21 -22.46
C TYR A 130 7.29 -8.51 -23.72
N PRO A 131 6.58 -9.23 -24.60
CA PRO A 131 6.06 -8.58 -25.82
C PRO A 131 5.20 -7.38 -25.50
N LYS A 132 5.41 -6.32 -26.26
CA LYS A 132 4.71 -5.06 -26.05
C LYS A 132 3.20 -5.26 -26.04
N PRO A 133 2.51 -4.94 -24.94
CA PRO A 133 1.05 -5.12 -24.89
C PRO A 133 0.34 -4.24 -25.91
N HIS A 134 -0.80 -4.74 -26.39
CA HIS A 134 -1.59 -3.94 -27.32
C HIS A 134 -2.12 -2.68 -26.63
N LYS A 135 -2.65 -2.84 -25.42
CA LYS A 135 -3.15 -1.72 -24.61
C LYS A 135 -2.77 -1.97 -23.16
N GLU A 136 -2.92 -0.92 -22.34
CA GLU A 136 -2.57 -0.94 -20.94
C GLU A 136 -3.66 -0.19 -20.18
N MET A 137 -4.02 -0.70 -19.01
CA MET A 137 -5.13 -0.14 -18.25
C MET A 137 -4.87 -0.19 -16.75
N PRO A 138 -4.75 0.96 -16.08
CA PRO A 138 -4.75 0.93 -14.61
C PRO A 138 -6.08 0.40 -14.09
N ILE A 139 -6.00 -0.47 -13.08
CA ILE A 139 -7.15 -1.09 -12.43
C ILE A 139 -6.96 -0.79 -10.94
N ILE A 140 -7.58 0.28 -10.44
CA ILE A 140 -7.40 0.70 -9.06
C ILE A 140 -8.52 0.11 -8.21
N LEU A 141 -8.14 -0.72 -7.23
CA LEU A 141 -9.10 -1.23 -6.26
C LEU A 141 -9.17 -0.26 -5.08
N GLY A 142 -10.38 0.07 -4.64
CA GLY A 142 -10.54 1.03 -3.57
C GLY A 142 -11.79 0.80 -2.75
N GLU A 143 -12.10 1.75 -1.87
CA GLU A 143 -13.29 1.69 -1.03
C GLU A 143 -14.06 2.98 -1.16
N TRP A 144 -15.36 2.90 -0.86
CA TRP A 144 -16.25 4.05 -0.81
C TRP A 144 -17.04 4.02 0.48
N TRP A 145 -17.07 5.14 1.20
CA TRP A 145 -17.99 5.34 2.31
C TRP A 145 -19.03 6.38 1.90
N ASN A 146 -20.29 6.16 2.28
CA ASN A 146 -21.29 7.20 2.10
C ASN A 146 -21.02 8.41 2.99
N ALA A 147 -20.62 8.17 4.23
CA ALA A 147 -20.30 9.27 5.13
C ALA A 147 -18.99 9.94 4.70
N ASP A 148 -18.83 11.20 5.11
CA ASP A 148 -17.54 11.89 5.03
C ASP A 148 -16.46 11.02 5.66
N VAL A 149 -15.40 10.72 4.91
CA VAL A 149 -14.32 9.91 5.44
C VAL A 149 -13.71 10.53 6.70
N GLU A 150 -13.61 11.87 6.74
CA GLU A 150 -13.08 12.53 7.94
C GLU A 150 -13.96 12.27 9.16
N GLN A 151 -15.27 12.21 8.97
CA GLN A 151 -16.17 11.95 10.10
C GLN A 151 -16.07 10.50 10.55
N ILE A 152 -15.87 9.59 9.59
CA ILE A 152 -15.56 8.19 9.92
C ILE A 152 -14.33 8.12 10.82
N LEU A 153 -13.25 8.81 10.42
CA LEU A 153 -12.05 8.82 11.25
C LEU A 153 -12.32 9.45 12.62
N LEU A 154 -12.91 10.65 12.62
CA LEU A 154 -13.06 11.39 13.87
C LEU A 154 -13.93 10.64 14.88
N GLU A 155 -14.96 9.96 14.40
CA GLU A 155 -15.80 9.21 15.34
C GLU A 155 -15.02 8.06 16.00
N SER A 156 -14.22 7.32 15.22
CA SER A 156 -13.41 6.27 15.84
C SER A 156 -12.40 6.85 16.82
N GLN A 157 -11.86 8.05 16.52
CA GLN A 157 -10.97 8.71 17.46
C GLN A 157 -11.69 9.04 18.77
N ARG A 158 -12.96 9.45 18.68
CA ARG A 158 -13.70 9.82 19.89
C ARG A 158 -14.09 8.59 20.69
N THR A 159 -14.60 7.55 20.05
CA THR A 159 -15.07 6.39 20.80
C THR A 159 -13.94 5.48 21.26
N GLY A 160 -12.80 5.48 20.57
CA GLY A 160 -11.78 4.48 20.82
C GLY A 160 -12.10 3.11 20.29
N GLY A 161 -13.19 2.97 19.54
CA GLY A 161 -13.57 1.71 18.94
C GLY A 161 -13.10 1.60 17.50
N ASP A 162 -13.61 0.59 16.81
CA ASP A 162 -13.10 0.31 15.49
C ASP A 162 -13.69 1.28 14.47
N VAL A 163 -12.99 1.41 13.35
CA VAL A 163 -13.42 2.27 12.24
C VAL A 163 -14.56 1.59 11.50
N ASN A 164 -15.62 2.36 11.19
CA ASN A 164 -16.73 1.80 10.43
C ASN A 164 -16.22 1.22 9.10
N ILE A 165 -16.79 0.08 8.71
CA ILE A 165 -16.42 -0.54 7.45
C ILE A 165 -16.94 0.32 6.29
N SER A 166 -16.24 0.26 5.17
CA SER A 166 -16.70 0.95 3.98
C SER A 166 -18.03 0.36 3.52
N ASP A 167 -18.77 1.15 2.74
CA ASP A 167 -20.03 0.71 2.17
C ASP A 167 -19.87 -0.06 0.85
N ALA A 168 -18.78 0.16 0.12
CA ALA A 168 -18.54 -0.62 -1.09
C ALA A 168 -17.04 -0.73 -1.34
N ASN A 169 -16.65 -1.87 -1.93
CA ASN A 169 -15.39 -1.96 -2.64
C ASN A 169 -15.59 -1.46 -4.06
N THR A 170 -14.51 -0.96 -4.68
CA THR A 170 -14.63 -0.30 -5.98
C THR A 170 -13.51 -0.72 -6.91
N ILE A 171 -13.79 -0.59 -8.21
CA ILE A 171 -12.77 -0.67 -9.27
C ILE A 171 -12.82 0.64 -10.03
N ASN A 172 -11.71 1.36 -10.05
CA ASN A 172 -11.61 2.68 -10.68
C ASN A 172 -12.75 3.60 -10.21
N GLY A 173 -13.04 3.54 -8.91
CA GLY A 173 -14.03 4.42 -8.29
C GLY A 173 -15.46 3.93 -8.36
N GLN A 174 -15.71 2.80 -9.03
CA GLN A 174 -17.06 2.37 -9.35
C GLN A 174 -17.36 1.04 -8.67
N PRO A 175 -18.38 0.94 -7.82
CA PRO A 175 -18.66 -0.34 -7.15
C PRO A 175 -18.96 -1.48 -8.10
N GLY A 176 -19.58 -1.22 -9.25
CA GLY A 176 -19.86 -2.26 -10.21
C GLY A 176 -21.30 -2.71 -10.23
N ASP A 177 -21.51 -3.88 -10.83
CA ASP A 177 -22.87 -4.30 -11.21
C ASP A 177 -23.76 -4.68 -10.04
N PHE A 178 -23.21 -5.08 -8.89
CA PHE A 178 -24.01 -5.68 -7.84
C PHE A 178 -24.23 -4.75 -6.66
N ALA A 179 -24.00 -3.47 -6.83
CA ALA A 179 -24.24 -2.51 -5.78
C ALA A 179 -25.39 -1.59 -6.15
N PRO A 180 -26.07 -1.00 -5.18
CA PRO A 180 -27.19 -0.10 -5.49
C PRO A 180 -26.72 1.12 -6.26
N CYS A 181 -27.54 1.52 -7.23
CA CYS A 181 -27.31 2.74 -8.01
C CYS A 181 -25.94 2.74 -8.69
N SER A 182 -25.45 1.58 -9.10
CA SER A 182 -24.08 1.46 -9.61
C SER A 182 -23.96 0.85 -10.99
N LYS A 183 -24.95 0.08 -11.44
CA LYS A 183 -24.81 -0.73 -12.64
C LYS A 183 -24.58 0.11 -13.88
N GLU A 184 -25.14 1.31 -13.93
CA GLU A 184 -25.01 2.09 -15.14
C GLU A 184 -23.57 2.55 -15.38
N ASP A 185 -22.79 2.73 -14.31
CA ASP A 185 -21.46 3.33 -14.44
C ASP A 185 -20.34 2.36 -14.06
N THR A 186 -20.64 1.06 -13.98
CA THR A 186 -19.61 0.03 -13.85
C THR A 186 -18.45 0.28 -14.81
N PHE A 187 -17.22 0.18 -14.31
CA PHE A 187 -16.06 0.32 -15.19
C PHE A 187 -16.06 -0.76 -16.25
N LYS A 188 -15.76 -0.36 -17.49
CA LYS A 188 -15.74 -1.27 -18.63
C LYS A 188 -14.49 -1.03 -19.44
N MET A 189 -13.87 -2.10 -19.94
CA MET A 189 -12.80 -1.94 -20.90
C MET A 189 -13.05 -2.84 -22.09
N SER A 190 -12.69 -2.35 -23.28
CA SER A 190 -12.85 -3.10 -24.52
C SER A 190 -11.60 -3.91 -24.82
N VAL A 191 -11.78 -5.14 -25.32
CA VAL A 191 -10.69 -5.96 -25.78
C VAL A 191 -11.02 -6.48 -27.18
N GLU A 192 -9.98 -6.80 -27.94
CA GLU A 192 -10.09 -7.34 -29.29
C GLU A 192 -9.46 -8.73 -29.32
N HIS A 193 -10.16 -9.69 -29.91
CA HIS A 193 -9.65 -11.07 -29.96
C HIS A 193 -8.19 -11.12 -30.43
N GLY A 194 -7.40 -11.95 -29.75
CA GLY A 194 -6.01 -12.13 -30.11
C GLY A 194 -5.04 -11.10 -29.57
N LYS A 195 -5.52 -10.02 -28.95
CA LYS A 195 -4.64 -8.99 -28.42
C LYS A 195 -4.34 -9.24 -26.94
N THR A 196 -3.23 -8.68 -26.46
CA THR A 196 -2.82 -8.82 -25.07
C THR A 196 -2.81 -7.46 -24.38
N TYR A 197 -3.30 -7.46 -23.14
CA TYR A 197 -3.51 -6.24 -22.36
C TYR A 197 -2.72 -6.31 -21.06
N LEU A 198 -2.10 -5.19 -20.69
CA LEU A 198 -1.39 -5.08 -19.43
C LEU A 198 -2.33 -4.45 -18.42
N LEU A 199 -2.72 -5.22 -17.40
CA LEU A 199 -3.53 -4.68 -16.32
C LEU A 199 -2.57 -4.22 -15.24
N ARG A 200 -2.66 -2.93 -14.88
CA ARG A 200 -1.81 -2.33 -13.86
C ARG A 200 -2.66 -2.21 -12.59
N VAL A 201 -2.64 -3.24 -11.76
CA VAL A 201 -3.55 -3.36 -10.62
C VAL A 201 -2.91 -2.72 -9.40
N ILE A 202 -3.66 -1.83 -8.75
CA ILE A 202 -3.19 -1.10 -7.59
C ILE A 202 -4.22 -1.30 -6.48
N ASN A 203 -3.77 -1.67 -5.28
CA ASN A 203 -4.72 -1.71 -4.15
C ASN A 203 -4.62 -0.39 -3.39
N ALA A 204 -5.56 0.52 -3.69
CA ALA A 204 -5.65 1.82 -3.06
C ALA A 204 -6.76 1.87 -2.01
N GLY A 205 -7.26 0.73 -1.57
CA GLY A 205 -8.18 0.71 -0.44
C GLY A 205 -7.42 0.94 0.85
N LEU A 206 -8.19 1.14 1.92
CA LEU A 206 -7.63 1.50 3.22
C LEU A 206 -7.56 0.32 4.19
N THR A 207 -8.16 -0.81 3.87
CA THR A 207 -8.57 -1.74 4.92
C THR A 207 -8.27 -3.20 4.66
N ASN A 208 -8.34 -3.71 3.44
CA ASN A 208 -8.28 -5.16 3.21
C ASN A 208 -7.33 -5.53 2.08
N GLU A 209 -6.60 -6.64 2.29
CA GLU A 209 -6.06 -7.40 1.17
C GLU A 209 -7.22 -7.94 0.33
N MET A 210 -7.00 -8.02 -0.99
CA MET A 210 -8.07 -8.38 -1.92
C MET A 210 -7.62 -9.52 -2.83
N PHE A 211 -8.53 -10.47 -3.06
CA PHE A 211 -8.43 -11.39 -4.20
C PHE A 211 -9.01 -10.73 -5.44
N PHE A 212 -8.45 -11.05 -6.60
CA PHE A 212 -8.85 -10.41 -7.85
C PHE A 212 -8.73 -11.42 -8.98
N ALA A 213 -9.68 -11.39 -9.91
CA ALA A 213 -9.65 -12.34 -11.01
C ALA A 213 -10.54 -11.82 -12.14
N VAL A 214 -10.34 -12.40 -13.32
CA VAL A 214 -11.11 -12.06 -14.51
C VAL A 214 -11.71 -13.34 -15.06
N ALA A 215 -13.04 -13.38 -15.18
CA ALA A 215 -13.71 -14.57 -15.68
C ALA A 215 -13.15 -14.99 -17.03
N GLY A 216 -12.87 -16.29 -17.18
CA GLY A 216 -12.45 -16.89 -18.42
C GLY A 216 -11.07 -16.53 -18.89
N HIS A 217 -10.28 -15.81 -18.09
CA HIS A 217 -8.99 -15.31 -18.54
C HIS A 217 -7.94 -15.54 -17.47
N ARG A 218 -6.85 -16.20 -17.84
CA ARG A 218 -5.73 -16.35 -16.94
C ARG A 218 -4.89 -15.09 -16.96
N LEU A 219 -4.11 -14.91 -15.90
CA LEU A 219 -3.34 -13.69 -15.72
C LEU A 219 -1.87 -14.07 -15.56
N THR A 220 -1.04 -13.54 -16.45
CA THR A 220 0.41 -13.73 -16.36
C THR A 220 1.03 -12.54 -15.64
N VAL A 221 1.42 -12.76 -14.39
CA VAL A 221 2.00 -11.70 -13.57
C VAL A 221 3.43 -11.44 -14.03
N VAL A 222 3.78 -10.17 -14.24
CA VAL A 222 5.10 -9.81 -14.76
C VAL A 222 5.82 -8.75 -13.94
N GLY A 223 5.17 -8.17 -12.92
CA GLY A 223 5.84 -7.15 -12.14
C GLY A 223 5.04 -6.77 -10.90
N THR A 224 5.75 -6.15 -9.94
CA THR A 224 5.15 -5.61 -8.73
C THR A 224 5.99 -4.46 -8.20
N ASP A 225 5.34 -3.43 -7.66
CA ASP A 225 6.02 -2.36 -6.93
C ASP A 225 7.18 -1.76 -7.74
N GLY A 226 6.98 -1.65 -9.06
CA GLY A 226 8.02 -1.09 -9.92
C GLY A 226 9.20 -1.99 -10.21
N ARG A 227 9.09 -3.31 -10.04
CA ARG A 227 10.18 -4.24 -10.32
C ARG A 227 9.65 -5.49 -10.99
N TYR A 228 10.19 -5.82 -12.17
CA TYR A 228 9.82 -7.03 -12.89
C TYR A 228 9.99 -8.28 -12.03
N LEU A 229 9.05 -9.20 -12.17
CA LEU A 229 9.02 -10.50 -11.50
C LEU A 229 9.26 -11.61 -12.52
N ARG A 230 9.74 -12.74 -12.05
CA ARG A 230 9.74 -13.93 -12.89
C ARG A 230 8.31 -14.27 -13.28
N PRO A 231 7.96 -14.30 -14.57
CA PRO A 231 6.55 -14.44 -14.94
C PRO A 231 5.96 -15.76 -14.49
N PHE A 232 4.68 -15.71 -14.09
CA PHE A 232 3.92 -16.89 -13.72
C PHE A 232 2.47 -16.58 -14.00
N THR A 233 1.71 -17.61 -14.38
CA THR A 233 0.33 -17.47 -14.81
C THR A 233 -0.63 -18.11 -13.79
N VAL A 234 -1.73 -17.41 -13.49
CA VAL A 234 -2.63 -17.79 -12.40
C VAL A 234 -4.06 -17.50 -12.81
N ASP A 235 -5.00 -18.06 -12.04
CA ASP A 235 -6.42 -17.77 -12.19
C ASP A 235 -6.88 -16.61 -11.33
N TYR A 236 -6.13 -16.26 -10.27
CA TYR A 236 -6.47 -15.14 -9.38
C TYR A 236 -5.17 -14.62 -8.77
N ILE A 237 -5.21 -13.39 -8.27
CA ILE A 237 -4.08 -12.81 -7.54
C ILE A 237 -4.54 -12.42 -6.14
N LEU A 238 -3.57 -12.22 -5.26
CA LEU A 238 -3.79 -11.55 -3.99
C LEU A 238 -3.05 -10.22 -4.03
N ILE A 239 -3.67 -9.15 -3.56
CA ILE A 239 -2.98 -7.87 -3.56
C ILE A 239 -3.38 -7.05 -2.34
N SER A 240 -2.37 -6.57 -1.58
CA SER A 240 -2.50 -5.88 -0.34
C SER A 240 -2.43 -4.37 -0.56
N PRO A 241 -3.11 -3.59 0.27
CA PRO A 241 -3.02 -2.12 0.16
C PRO A 241 -1.57 -1.66 0.16
N GLY A 242 -1.25 -0.75 -0.76
CA GLY A 242 0.13 -0.33 -0.99
C GLY A 242 0.78 -1.01 -2.18
N GLN A 243 0.46 -2.28 -2.39
CA GLN A 243 1.05 -3.04 -3.49
C GLN A 243 0.45 -2.67 -4.83
N THR A 244 1.28 -2.79 -5.88
CA THR A 244 0.79 -2.87 -7.24
C THR A 244 1.23 -4.21 -7.83
N MET A 245 0.44 -4.72 -8.79
CA MET A 245 0.74 -5.95 -9.51
C MET A 245 0.43 -5.75 -10.98
N ASN A 246 1.40 -6.02 -11.87
CA ASN A 246 1.19 -5.93 -13.32
C ASN A 246 1.03 -7.32 -13.90
N MET A 247 0.06 -7.48 -14.80
CA MET A 247 -0.20 -8.81 -15.35
C MET A 247 -0.76 -8.68 -16.76
N LEU A 248 -0.43 -9.67 -17.59
CA LEU A 248 -0.88 -9.70 -18.97
C LEU A 248 -2.17 -10.53 -19.08
N LEU A 249 -3.16 -10.00 -19.79
CA LEU A 249 -4.39 -10.71 -20.09
C LEU A 249 -4.46 -10.89 -21.60
N GLU A 250 -4.67 -12.13 -22.04
CA GLU A 250 -4.73 -12.46 -23.45
C GLU A 250 -6.19 -12.65 -23.85
N ALA A 251 -6.66 -11.83 -24.79
CA ALA A 251 -8.07 -11.83 -25.19
C ALA A 251 -8.28 -12.93 -26.23
N ASN A 252 -8.50 -14.15 -25.75
CA ASN A 252 -8.55 -15.35 -26.60
C ASN A 252 -9.96 -15.80 -26.94
N CYS A 253 -10.95 -15.44 -26.13
CA CYS A 253 -12.27 -16.03 -26.27
C CYS A 253 -12.86 -15.72 -27.65
N ALA A 254 -13.67 -16.66 -28.14
CA ALA A 254 -14.20 -16.56 -29.50
C ALA A 254 -15.19 -15.41 -29.60
N THR A 255 -15.18 -14.73 -30.75
CA THR A 255 -16.10 -13.62 -30.99
C THR A 255 -17.09 -13.93 -32.12
N ASP A 256 -17.32 -15.21 -32.41
CA ASP A 256 -18.26 -15.64 -33.44
C ASP A 256 -19.66 -15.90 -32.89
N GLY A 257 -19.88 -15.61 -31.61
CA GLY A 257 -21.17 -15.84 -30.98
C GLY A 257 -21.25 -17.14 -30.19
N SER A 258 -20.21 -17.98 -30.24
CA SER A 258 -20.22 -19.23 -29.50
C SER A 258 -19.88 -19.07 -28.02
N ALA A 259 -19.38 -17.91 -27.61
CA ALA A 259 -19.01 -17.64 -26.23
C ALA A 259 -19.53 -16.28 -25.80
N ASN A 260 -19.62 -16.09 -24.49
CA ASN A 260 -19.96 -14.79 -23.97
C ASN A 260 -18.97 -13.76 -24.50
N SER A 261 -19.48 -12.55 -24.74
CA SER A 261 -18.62 -11.44 -25.12
C SER A 261 -18.30 -10.53 -23.94
N ARG A 262 -18.86 -10.81 -22.76
CA ARG A 262 -18.62 -9.99 -21.58
C ARG A 262 -18.16 -10.86 -20.43
N TYR A 263 -17.13 -10.40 -19.72
CA TYR A 263 -16.52 -11.15 -18.64
C TYR A 263 -16.29 -10.24 -17.43
N TYR A 264 -16.68 -10.71 -16.24
CA TYR A 264 -16.51 -9.94 -15.03
C TYR A 264 -15.06 -9.98 -14.60
N MET A 265 -14.47 -8.81 -14.47
CA MET A 265 -13.37 -8.58 -13.55
C MET A 265 -13.97 -8.44 -12.15
N ALA A 266 -13.41 -9.11 -11.14
CA ALA A 266 -14.00 -9.06 -9.80
C ALA A 266 -12.94 -9.13 -8.71
N ALA A 267 -13.21 -8.44 -7.59
CA ALA A 267 -12.34 -8.49 -6.42
C ALA A 267 -13.16 -8.61 -5.15
N ARG A 268 -12.58 -9.23 -4.14
CA ARG A 268 -13.26 -9.41 -2.86
C ARG A 268 -12.21 -9.62 -1.78
N PRO A 269 -12.47 -9.22 -0.54
CA PRO A 269 -11.40 -9.24 0.47
C PRO A 269 -10.89 -10.63 0.79
N PHE A 270 -9.64 -10.68 1.22
CA PHE A 270 -9.06 -11.78 1.96
C PHE A 270 -9.03 -11.36 3.43
N PHE A 271 -9.77 -12.06 4.27
CA PHE A 271 -9.99 -11.61 5.64
C PHE A 271 -10.33 -12.83 6.48
N THR A 272 -9.67 -12.98 7.64
CA THR A 272 -9.79 -14.21 8.43
C THR A 272 -10.46 -14.04 9.79
N ASN A 273 -10.64 -12.83 10.29
CA ASN A 273 -11.21 -12.63 11.63
C ASN A 273 -12.74 -12.72 11.57
N THR A 274 -13.30 -13.84 12.01
CA THR A 274 -14.76 -13.98 11.95
C THR A 274 -15.47 -13.13 13.01
N ALA A 275 -14.76 -12.70 14.05
CA ALA A 275 -15.38 -11.92 15.11
C ALA A 275 -15.58 -10.45 14.75
N VAL A 276 -15.02 -9.99 13.62
CA VAL A 276 -14.90 -8.57 13.32
C VAL A 276 -15.63 -8.27 12.01
N ASN A 277 -16.19 -7.06 11.93
CA ASN A 277 -16.93 -6.64 10.75
C ASN A 277 -15.99 -6.28 9.60
N VAL A 278 -16.42 -6.61 8.38
CA VAL A 278 -15.65 -6.36 7.17
C VAL A 278 -16.60 -5.99 6.04
N ASP A 279 -16.19 -5.04 5.20
CA ASP A 279 -16.90 -4.78 3.96
C ASP A 279 -16.58 -5.93 3.02
N ASP A 280 -17.37 -7.00 3.09
CA ASP A 280 -17.09 -8.21 2.32
C ASP A 280 -17.73 -8.19 0.94
N LYS A 281 -18.27 -7.05 0.50
CA LYS A 281 -18.92 -6.98 -0.80
C LYS A 281 -17.90 -7.10 -1.92
N ASN A 282 -18.26 -7.84 -2.98
CA ASN A 282 -17.38 -7.86 -4.13
C ASN A 282 -17.55 -6.56 -4.91
N THR A 283 -16.57 -6.28 -5.75
CA THR A 283 -16.66 -5.20 -6.71
C THR A 283 -16.39 -5.80 -8.07
N THR A 284 -17.09 -5.31 -9.09
CA THR A 284 -17.02 -5.90 -10.42
C THR A 284 -16.80 -4.82 -11.48
N ALA A 285 -16.16 -5.22 -12.56
CA ALA A 285 -16.01 -4.44 -13.77
C ALA A 285 -16.13 -5.43 -14.93
N ILE A 286 -16.25 -4.92 -16.15
CA ILE A 286 -16.62 -5.73 -17.31
C ILE A 286 -15.54 -5.65 -18.39
N VAL A 287 -15.05 -6.80 -18.80
CA VAL A 287 -14.22 -6.91 -20.00
C VAL A 287 -15.13 -7.32 -21.15
N GLU A 288 -15.18 -6.51 -22.20
CA GLU A 288 -16.12 -6.67 -23.30
C GLU A 288 -15.36 -6.82 -24.60
N TYR A 289 -15.63 -7.90 -25.32
CA TYR A 289 -15.11 -8.10 -26.68
C TYR A 289 -16.00 -7.31 -27.64
N THR A 290 -15.45 -6.29 -28.28
CA THR A 290 -16.29 -5.34 -28.98
C THR A 290 -16.77 -5.80 -30.34
N ASP A 291 -16.08 -6.75 -30.99
CA ASP A 291 -16.45 -7.13 -32.34
C ASP A 291 -17.21 -8.44 -32.41
N ALA A 292 -17.85 -8.84 -31.33
CA ALA A 292 -18.73 -9.99 -31.28
C ALA A 292 -20.16 -9.54 -31.54
N PRO A 293 -21.05 -10.45 -31.97
CA PRO A 293 -22.43 -10.03 -32.32
C PRO A 293 -23.24 -9.70 -31.07
N PRO A 294 -24.31 -8.91 -31.22
CA PRO A 294 -25.10 -8.51 -30.03
C PRO A 294 -25.67 -9.69 -29.24
N SER A 295 -25.94 -10.82 -29.89
CA SER A 295 -26.45 -11.97 -29.16
C SER A 295 -25.45 -12.48 -28.13
N ALA A 296 -24.15 -12.26 -28.38
CA ALA A 296 -23.12 -12.75 -27.47
C ALA A 296 -23.15 -12.03 -26.11
N SER A 297 -23.84 -10.90 -26.00
CA SER A 297 -23.96 -10.17 -24.74
C SER A 297 -25.41 -10.17 -24.23
N ALA A 298 -26.19 -11.19 -24.59
CA ALA A 298 -27.60 -11.22 -24.20
C ALA A 298 -27.75 -11.48 -22.71
N GLY A 299 -26.93 -12.39 -22.16
CA GLY A 299 -27.00 -12.71 -20.75
C GLY A 299 -26.04 -11.89 -19.92
N PRO A 300 -25.93 -12.21 -18.63
CA PRO A 300 -24.95 -11.52 -17.77
C PRO A 300 -23.53 -11.87 -18.20
N PRO A 301 -22.55 -11.05 -17.83
CA PRO A 301 -21.16 -11.45 -18.06
C PRO A 301 -20.84 -12.69 -17.25
N ASP A 302 -19.93 -13.51 -17.77
CA ASP A 302 -19.43 -14.63 -16.99
C ASP A 302 -18.75 -14.13 -15.72
N SER A 303 -18.83 -14.93 -14.64
CA SER A 303 -18.26 -14.65 -13.33
C SER A 303 -17.04 -15.53 -13.05
N PRO A 304 -15.98 -14.98 -12.46
CA PRO A 304 -14.84 -15.81 -12.06
C PRO A 304 -15.13 -16.53 -10.76
N ASP A 305 -14.35 -17.57 -10.50
CA ASP A 305 -14.30 -18.23 -9.20
C ASP A 305 -13.31 -17.48 -8.32
N LEU A 306 -13.80 -16.82 -7.29
CA LEU A 306 -12.83 -16.20 -6.38
C LEU A 306 -12.64 -17.08 -5.16
N PRO A 307 -11.43 -17.18 -4.60
CA PRO A 307 -11.28 -17.92 -3.35
C PRO A 307 -12.20 -17.35 -2.27
N ALA A 308 -12.66 -18.21 -1.37
CA ALA A 308 -13.47 -17.74 -0.25
C ALA A 308 -12.70 -16.73 0.56
N MET A 309 -13.43 -15.83 1.25
CA MET A 309 -12.80 -14.70 1.91
C MET A 309 -11.79 -15.15 2.96
N ASP A 310 -12.02 -16.30 3.59
CA ASP A 310 -11.10 -16.78 4.63
C ASP A 310 -10.11 -17.82 4.10
N ASP A 311 -9.93 -17.91 2.79
CA ASP A 311 -9.08 -18.94 2.20
C ASP A 311 -7.60 -18.56 2.34
N ILE A 312 -7.02 -18.92 3.47
CA ILE A 312 -5.63 -18.58 3.75
C ILE A 312 -4.70 -19.35 2.83
N ALA A 313 -5.05 -20.61 2.50
CA ALA A 313 -4.23 -21.38 1.58
C ALA A 313 -4.13 -20.69 0.23
N ALA A 314 -5.23 -20.10 -0.23
CA ALA A 314 -5.22 -19.44 -1.54
C ALA A 314 -4.35 -18.19 -1.51
N ALA A 315 -4.40 -17.43 -0.42
CA ALA A 315 -3.50 -16.28 -0.27
C ALA A 315 -2.05 -16.74 -0.29
N THR A 316 -1.72 -17.72 0.56
CA THR A 316 -0.36 -18.23 0.64
C THR A 316 0.15 -18.70 -0.71
N ALA A 317 -0.70 -19.39 -1.47
CA ALA A 317 -0.28 -19.98 -2.73
C ALA A 317 0.04 -18.92 -3.78
N TYR A 318 -0.64 -17.78 -3.74
CA TYR A 318 -0.24 -16.71 -4.64
C TYR A 318 1.08 -16.09 -4.21
N THR A 319 1.17 -15.67 -2.95
CA THR A 319 2.36 -14.99 -2.46
C THR A 319 3.63 -15.84 -2.60
N ALA A 320 3.49 -17.17 -2.50
CA ALA A 320 4.66 -18.03 -2.62
C ALA A 320 5.28 -17.99 -4.01
N GLN A 321 4.56 -17.48 -5.02
CA GLN A 321 5.05 -17.50 -6.39
C GLN A 321 5.85 -16.26 -6.78
N LEU A 322 5.96 -15.27 -5.89
CA LEU A 322 6.60 -14.02 -6.23
C LEU A 322 8.12 -14.18 -6.17
N ARG A 323 8.79 -13.85 -7.27
CA ARG A 323 10.25 -13.92 -7.36
C ARG A 323 10.72 -12.82 -8.30
N SER A 324 11.80 -12.14 -7.94
CA SER A 324 12.34 -11.12 -8.82
C SER A 324 12.74 -11.73 -10.16
N LEU A 325 12.52 -10.97 -11.23
CA LEU A 325 13.12 -11.30 -12.53
C LEU A 325 14.61 -10.98 -12.47
N VAL A 326 15.45 -11.98 -12.75
CA VAL A 326 16.89 -11.77 -12.69
C VAL A 326 17.46 -12.11 -14.06
N THR A 327 17.85 -11.07 -14.80
CA THR A 327 18.49 -11.22 -16.10
C THR A 327 19.61 -10.19 -16.19
N LYS A 328 20.30 -10.21 -17.33
CA LYS A 328 21.36 -9.25 -17.59
C LYS A 328 20.78 -7.85 -17.70
N GLU A 329 19.62 -7.72 -18.36
CA GLU A 329 18.98 -6.41 -18.43
C GLU A 329 18.42 -5.99 -17.09
N HIS A 330 18.03 -6.94 -16.26
CA HIS A 330 17.38 -6.66 -14.97
C HIS A 330 18.09 -7.43 -13.88
N PRO A 331 19.21 -6.92 -13.42
CA PRO A 331 19.97 -7.59 -12.37
C PRO A 331 19.37 -7.31 -10.99
N ILE A 332 19.87 -8.09 -10.04
CA ILE A 332 19.45 -8.08 -8.65
C ILE A 332 20.71 -7.95 -7.81
N ASP A 333 20.54 -7.47 -6.59
CA ASP A 333 21.67 -7.32 -5.66
C ASP A 333 21.17 -7.63 -4.24
N VAL A 334 21.05 -8.92 -3.95
CA VAL A 334 20.61 -9.39 -2.64
C VAL A 334 21.72 -9.15 -1.64
N PRO A 335 21.51 -8.39 -0.56
CA PRO A 335 22.56 -8.22 0.46
C PRO A 335 22.83 -9.55 1.15
N MET A 336 24.08 -9.98 1.10
CA MET A 336 24.41 -11.32 1.59
C MET A 336 24.90 -11.33 3.03
N GLU A 337 25.58 -10.29 3.47
CA GLU A 337 26.13 -10.24 4.82
C GLU A 337 25.46 -9.10 5.57
N VAL A 338 24.73 -9.45 6.60
CA VAL A 338 23.86 -8.53 7.31
C VAL A 338 24.67 -7.86 8.40
N ASP A 339 24.57 -6.52 8.49
CA ASP A 339 25.23 -5.80 9.57
C ASP A 339 24.43 -5.82 10.86
N GLU A 340 23.11 -5.87 10.76
CA GLU A 340 22.25 -5.69 11.93
C GLU A 340 20.93 -6.39 11.68
N HIS A 341 20.47 -7.15 12.68
CA HIS A 341 19.20 -7.86 12.62
C HIS A 341 18.17 -7.14 13.49
N MET A 342 16.94 -7.05 13.01
CA MET A 342 15.83 -6.55 13.80
C MET A 342 14.71 -7.57 13.80
N LEU A 343 14.14 -7.82 14.98
CA LEU A 343 12.87 -8.53 15.08
C LEU A 343 11.83 -7.50 15.50
N VAL A 344 10.74 -7.39 14.74
CA VAL A 344 9.75 -6.34 14.94
C VAL A 344 8.38 -7.01 15.10
N THR A 345 7.87 -7.04 16.33
CA THR A 345 6.54 -7.57 16.57
C THR A 345 5.49 -6.56 16.17
N ILE A 346 4.46 -7.04 15.50
CA ILE A 346 3.36 -6.25 15.00
C ILE A 346 2.11 -6.66 15.76
N SER A 347 1.49 -5.70 16.45
CA SER A 347 0.31 -6.02 17.25
C SER A 347 -0.74 -4.93 17.10
N VAL A 348 -2.00 -5.34 17.14
CA VAL A 348 -3.10 -4.47 17.52
C VAL A 348 -3.23 -4.55 19.03
N ASN A 349 -3.58 -3.43 19.66
CA ASN A 349 -3.43 -3.27 21.10
C ASN A 349 -4.59 -2.45 21.66
N THR A 350 -4.60 -2.32 22.98
CA THR A 350 -5.38 -1.27 23.61
C THR A 350 -4.48 -0.40 24.48
N ILE A 351 -4.99 0.78 24.78
CA ILE A 351 -4.46 1.62 25.86
C ILE A 351 -5.64 1.99 26.75
N PRO A 352 -5.37 2.37 28.01
CA PRO A 352 -6.49 2.69 28.91
C PRO A 352 -7.35 3.82 28.35
N CYS A 353 -8.66 3.67 28.52
CA CYS A 353 -9.57 4.76 28.21
C CYS A 353 -9.21 5.99 29.06
N GLU A 354 -9.45 7.17 28.50
CA GLU A 354 -9.21 8.43 29.20
C GLU A 354 -10.07 8.49 30.46
N PRO A 355 -9.66 9.28 31.45
CA PRO A 355 -10.48 9.43 32.65
C PRO A 355 -11.82 10.08 32.33
N ASN A 356 -12.87 9.60 33.00
CA ASN A 356 -14.21 10.19 32.93
C ASN A 356 -14.84 10.01 31.56
N LYS A 357 -14.57 8.86 30.95
CA LYS A 357 -15.03 8.56 29.63
C LYS A 357 -15.17 7.05 29.49
N THR A 358 -16.09 6.61 28.64
CA THR A 358 -16.23 5.20 28.29
C THR A 358 -15.85 5.02 26.82
N CYS A 359 -15.03 4.02 26.57
CA CYS A 359 -14.46 3.77 25.25
C CYS A 359 -15.05 2.50 24.68
N ALA A 360 -15.01 2.38 23.35
CA ALA A 360 -15.72 1.32 22.66
C ALA A 360 -14.81 0.18 22.21
N GLY A 361 -13.51 0.21 22.54
CA GLY A 361 -12.61 -0.84 22.13
C GLY A 361 -12.71 -2.05 23.04
N PRO A 362 -11.86 -3.05 22.77
CA PRO A 362 -11.89 -4.28 23.56
C PRO A 362 -11.76 -3.99 25.05
N GLY A 363 -12.57 -4.69 25.84
CA GLY A 363 -12.62 -4.42 27.28
C GLY A 363 -13.00 -2.98 27.62
N ASN A 364 -13.69 -2.29 26.72
CA ASN A 364 -14.02 -0.86 26.87
C ASN A 364 -12.77 0.01 27.02
N ASN A 365 -11.63 -0.45 26.49
CA ASN A 365 -10.47 0.41 26.40
C ASN A 365 -10.41 1.04 25.01
N ARG A 366 -9.32 1.72 24.70
CA ARG A 366 -9.19 2.43 23.44
C ARG A 366 -8.25 1.65 22.52
N LEU A 367 -8.66 1.46 21.27
CA LEU A 367 -7.83 0.69 20.34
C LEU A 367 -6.53 1.42 20.02
N ALA A 368 -5.49 0.65 19.74
CA ALA A 368 -4.17 1.18 19.40
C ALA A 368 -3.38 0.09 18.65
N ALA A 369 -2.11 0.37 18.36
CA ALA A 369 -1.30 -0.61 17.63
C ALA A 369 0.16 -0.26 17.82
N SER A 370 1.04 -1.23 17.54
CA SER A 370 2.43 -1.02 17.95
C SER A 370 3.38 -1.86 17.10
N LEU A 371 4.63 -1.39 17.05
CA LEU A 371 5.77 -2.17 16.57
C LEU A 371 6.74 -2.30 17.73
N ASN A 372 7.12 -3.54 18.05
CA ASN A 372 7.95 -3.85 19.22
C ASN A 372 7.38 -3.17 20.47
N ASN A 373 6.05 -3.16 20.55
CA ASN A 373 5.29 -2.64 21.68
C ASN A 373 5.49 -1.14 21.90
N VAL A 374 5.87 -0.39 20.86
CA VAL A 374 5.81 1.06 20.90
C VAL A 374 4.72 1.51 19.95
N SER A 375 3.73 2.23 20.47
CA SER A 375 2.62 2.73 19.64
C SER A 375 3.01 4.13 19.14
N PHE A 376 3.28 4.25 17.83
CA PHE A 376 3.82 5.50 17.31
C PHE A 376 2.81 6.64 17.42
N MET A 377 3.25 7.80 17.88
CA MET A 377 2.41 8.99 17.88
C MET A 377 3.10 10.12 17.11
N ASN A 378 2.35 10.76 16.23
CA ASN A 378 2.93 11.81 15.41
C ASN A 378 3.40 12.97 16.28
N PRO A 379 4.55 13.57 15.98
CA PRO A 379 4.91 14.84 16.63
C PRO A 379 4.11 15.99 16.02
N THR A 380 4.28 17.18 16.60
CA THR A 380 3.73 18.39 16.01
C THR A 380 4.76 19.18 15.21
N ILE A 381 6.03 18.97 15.47
CA ILE A 381 7.09 19.38 14.55
C ILE A 381 7.51 18.13 13.79
N ASP A 382 7.48 18.19 12.45
CA ASP A 382 7.76 16.97 11.71
C ASP A 382 9.17 16.47 12.00
N ILE A 383 9.32 15.14 12.03
CA ILE A 383 10.60 14.50 12.32
C ILE A 383 11.74 15.07 11.47
N LEU A 384 11.50 15.27 10.17
CA LEU A 384 12.59 15.66 9.28
C LEU A 384 13.14 17.04 9.63
N ASP A 385 12.26 18.04 9.84
CA ASP A 385 12.75 19.34 10.32
C ASP A 385 13.45 19.21 11.67
N ALA A 386 12.91 18.39 12.57
CA ALA A 386 13.55 18.23 13.88
C ALA A 386 14.96 17.65 13.73
N TYR A 387 15.12 16.68 12.83
CA TYR A 387 16.44 16.09 12.55
C TYR A 387 17.37 17.11 11.92
N TYR A 388 16.87 17.89 10.95
CA TYR A 388 17.69 18.86 10.22
C TYR A 388 18.17 19.98 11.14
N ASP A 389 17.30 20.46 12.03
CA ASP A 389 17.62 21.60 12.89
C ASP A 389 18.11 21.17 14.28
N SER A 390 18.22 19.87 14.53
CA SER A 390 18.63 19.33 15.83
C SER A 390 17.75 19.88 16.95
N ILE A 391 16.44 19.77 16.75
CA ILE A 391 15.44 20.23 17.71
C ILE A 391 15.19 19.11 18.70
N SER A 392 15.45 19.36 19.98
CA SER A 392 15.24 18.35 20.99
C SER A 392 13.77 18.27 21.38
N GLY A 393 13.41 17.18 22.03
CA GLY A 393 12.08 17.02 22.55
C GLY A 393 11.01 16.67 21.54
N VAL A 394 11.38 16.21 20.36
CA VAL A 394 10.43 15.85 19.30
C VAL A 394 10.34 14.33 19.15
N TYR A 395 11.47 13.66 18.98
CA TYR A 395 11.50 12.21 18.85
C TYR A 395 12.63 11.66 19.72
N GLU A 396 12.55 10.36 20.00
CA GLU A 396 13.62 9.65 20.72
C GLU A 396 14.28 8.65 19.80
N PRO A 397 15.61 8.64 19.71
CA PRO A 397 16.28 7.80 18.72
C PRO A 397 16.58 6.39 19.18
N ASP A 398 15.67 5.76 19.92
CA ASP A 398 15.96 4.45 20.51
C ASP A 398 14.87 3.43 20.20
N PHE A 399 14.32 3.44 18.99
CA PHE A 399 13.40 2.36 18.64
C PHE A 399 14.17 1.04 18.70
N PRO A 400 13.65 0.03 19.39
CA PRO A 400 14.47 -1.15 19.69
C PRO A 400 14.53 -2.16 18.55
N ASN A 401 15.63 -2.92 18.52
CA ASN A 401 15.87 -3.94 17.51
C ASN A 401 15.13 -5.24 17.79
N LYS A 402 14.45 -5.35 18.94
CA LYS A 402 13.78 -6.58 19.30
C LYS A 402 12.66 -6.24 20.25
N PRO A 403 11.64 -7.09 20.36
CA PRO A 403 10.55 -6.80 21.29
C PRO A 403 11.06 -6.82 22.72
N PRO A 404 10.44 -6.04 23.62
CA PRO A 404 10.97 -5.95 24.99
C PRO A 404 10.62 -7.15 25.84
N PHE A 405 9.65 -7.97 25.44
CA PHE A 405 9.28 -9.15 26.19
C PHE A 405 8.97 -10.26 25.21
N PHE A 406 9.76 -11.34 25.24
CA PHE A 406 9.50 -12.46 24.35
C PHE A 406 8.42 -13.36 24.95
N PHE A 407 7.51 -13.81 24.10
CA PHE A 407 6.46 -14.75 24.48
C PHE A 407 6.07 -15.55 23.24
N ASN A 408 5.15 -16.50 23.40
CA ASN A 408 4.69 -17.28 22.27
C ASN A 408 3.84 -16.37 21.38
N PHE A 409 4.50 -15.64 20.48
CA PHE A 409 3.86 -14.51 19.79
C PHE A 409 2.56 -14.90 19.11
N THR A 410 2.54 -16.03 18.41
CA THR A 410 1.38 -16.39 17.61
C THR A 410 0.43 -17.37 18.30
N ALA A 411 0.61 -17.61 19.59
CA ALA A 411 -0.31 -18.50 20.29
C ALA A 411 -1.68 -17.81 20.40
N PRO A 412 -2.77 -18.49 20.05
CA PRO A 412 -4.09 -17.86 20.07
C PRO A 412 -4.50 -17.38 21.46
N ASN A 413 -5.34 -16.35 21.47
CA ASN A 413 -6.00 -15.85 22.67
C ASN A 413 -5.04 -15.57 23.84
N PRO A 414 -4.04 -14.72 23.63
CA PRO A 414 -3.14 -14.39 24.73
C PRO A 414 -3.92 -13.71 25.84
N PRO A 415 -3.40 -13.71 27.06
CA PRO A 415 -4.15 -13.15 28.18
C PRO A 415 -4.30 -11.64 28.05
N GLN A 416 -5.38 -11.13 28.66
CA GLN A 416 -5.77 -9.73 28.53
C GLN A 416 -4.66 -8.76 28.91
N ASP A 417 -3.75 -9.17 29.81
CA ASP A 417 -2.68 -8.26 30.23
C ASP A 417 -1.74 -7.92 29.07
N LEU A 418 -1.65 -8.80 28.06
CA LEU A 418 -0.78 -8.55 26.90
C LEU A 418 -1.42 -7.67 25.83
N TRP A 419 -2.68 -7.25 26.01
CA TRP A 419 -3.30 -6.36 25.05
C TRP A 419 -2.66 -4.99 25.05
N PHE A 420 -2.21 -4.52 26.22
CA PHE A 420 -1.88 -3.12 26.38
C PHE A 420 -0.53 -2.76 25.77
N THR A 421 -0.45 -1.53 25.29
CA THR A 421 0.78 -1.00 24.73
C THR A 421 1.03 0.38 25.30
N LYS A 422 2.04 1.08 24.79
CA LYS A 422 2.42 2.38 25.30
C LYS A 422 2.84 3.28 24.15
N ARG A 423 2.44 4.55 24.21
CA ARG A 423 2.69 5.47 23.11
C ARG A 423 4.09 6.06 23.18
N GLY A 424 4.65 6.35 22.01
CA GLY A 424 5.92 7.04 21.93
C GLY A 424 6.17 7.51 20.52
N THR A 425 7.23 8.31 20.37
CA THR A 425 7.71 8.79 19.06
C THR A 425 9.18 8.37 18.97
N LYS A 426 9.41 7.09 18.69
CA LYS A 426 10.75 6.54 18.65
C LYS A 426 11.14 6.25 17.21
N VAL A 427 12.41 6.54 16.88
CA VAL A 427 12.94 6.30 15.55
C VAL A 427 14.21 5.46 15.70
N LYS A 428 14.60 4.85 14.58
CA LYS A 428 15.79 4.04 14.50
C LYS A 428 16.80 4.75 13.61
N VAL A 429 17.98 5.04 14.14
CA VAL A 429 19.02 5.78 13.43
C VAL A 429 20.10 4.81 12.98
N VAL A 430 20.44 4.84 11.69
CA VAL A 430 21.47 3.97 11.15
C VAL A 430 22.46 4.79 10.33
N GLU A 431 23.72 4.34 10.33
CA GLU A 431 24.72 4.91 9.45
C GLU A 431 24.42 4.56 8.00
N TYR A 432 24.80 5.46 7.09
CA TYR A 432 24.65 5.23 5.66
C TYR A 432 25.31 3.91 5.26
N GLY A 433 24.58 3.11 4.49
CA GLY A 433 25.11 1.84 4.00
C GLY A 433 24.88 0.64 4.89
N THR A 434 24.31 0.82 6.08
CA THR A 434 24.05 -0.31 6.96
C THR A 434 23.13 -1.32 6.28
N ILE A 435 23.51 -2.58 6.31
CA ILE A 435 22.70 -3.65 5.73
C ILE A 435 21.82 -4.24 6.84
N LEU A 436 20.51 -4.10 6.68
CA LEU A 436 19.54 -4.53 7.67
C LEU A 436 18.82 -5.79 7.20
N GLU A 437 18.61 -6.72 8.11
CA GLU A 437 17.60 -7.75 7.95
C GLU A 437 16.51 -7.44 8.97
N VAL A 438 15.31 -7.14 8.48
CA VAL A 438 14.17 -6.81 9.32
C VAL A 438 13.20 -7.98 9.25
N VAL A 439 12.91 -8.60 10.38
CA VAL A 439 11.96 -9.70 10.43
C VAL A 439 10.69 -9.19 11.12
N PHE A 440 9.59 -9.18 10.38
CA PHE A 440 8.28 -8.80 10.89
C PHE A 440 7.61 -10.02 11.49
N GLN A 441 7.22 -9.93 12.75
CA GLN A 441 6.57 -11.02 13.48
C GLN A 441 5.17 -10.59 13.91
N ASP A 442 4.14 -11.07 13.21
CA ASP A 442 2.77 -10.87 13.69
C ASP A 442 2.58 -11.54 15.04
N THR A 443 1.81 -10.90 15.92
CA THR A 443 1.33 -11.56 17.14
C THR A 443 -0.15 -11.86 17.02
N ALA A 444 -0.63 -12.69 17.95
CA ALA A 444 -2.03 -13.06 17.98
C ALA A 444 -2.84 -12.17 18.92
N ILE A 445 -2.23 -11.11 19.45
CA ILE A 445 -2.95 -10.18 20.32
C ILE A 445 -4.12 -9.58 19.54
N LEU A 446 -5.31 -9.73 20.10
CA LEU A 446 -6.57 -9.26 19.52
C LEU A 446 -6.80 -9.81 18.12
N GLY A 447 -6.15 -10.93 17.79
CA GLY A 447 -6.42 -11.60 16.53
C GLY A 447 -5.25 -11.61 15.57
N ALA A 448 -4.75 -12.80 15.24
CA ALA A 448 -3.78 -12.95 14.16
C ALA A 448 -4.35 -12.36 12.88
N GLU A 449 -3.48 -11.67 12.14
CA GLU A 449 -3.94 -10.92 10.98
C GLU A 449 -2.73 -10.63 10.10
N SER A 450 -2.92 -10.70 8.79
CA SER A 450 -1.89 -10.30 7.85
C SER A 450 -1.81 -8.79 7.78
N HIS A 451 -0.60 -8.24 7.91
CA HIS A 451 -0.39 -6.80 7.84
C HIS A 451 0.49 -6.46 6.65
N PRO A 452 0.08 -5.53 5.77
CA PRO A 452 0.96 -5.12 4.67
C PRO A 452 1.94 -4.04 5.11
N MET A 453 3.16 -4.46 5.47
CA MET A 453 4.17 -3.53 5.98
C MET A 453 4.88 -2.84 4.83
N HIS A 454 4.95 -1.51 4.91
CA HIS A 454 5.50 -0.69 3.83
C HIS A 454 6.63 0.17 4.36
N LEU A 455 7.70 0.30 3.58
CA LEU A 455 8.84 1.13 3.93
C LEU A 455 8.99 2.21 2.88
N HIS A 456 8.87 3.48 3.29
CA HIS A 456 9.21 4.60 2.42
C HIS A 456 10.71 4.63 2.16
N GLY A 457 11.10 5.17 1.00
CA GLY A 457 12.49 5.47 0.70
C GLY A 457 13.31 4.33 0.15
N PHE A 458 12.75 3.11 0.11
CA PHE A 458 13.47 1.89 -0.19
C PHE A 458 12.50 0.86 -0.74
N SER A 459 13.00 0.00 -1.60
CA SER A 459 12.43 -1.33 -1.74
C SER A 459 13.35 -2.31 -1.00
N PHE A 460 12.88 -3.54 -0.84
CA PHE A 460 13.62 -4.51 -0.04
C PHE A 460 13.35 -5.90 -0.60
N TYR A 461 14.25 -6.82 -0.29
CA TYR A 461 14.16 -8.20 -0.75
C TYR A 461 13.50 -9.02 0.32
N VAL A 462 12.41 -9.69 -0.01
CA VAL A 462 11.71 -10.53 0.94
C VAL A 462 12.32 -11.93 0.82
N VAL A 463 13.21 -12.25 1.75
CA VAL A 463 14.02 -13.46 1.65
C VAL A 463 13.37 -14.66 2.33
N GLY A 464 12.41 -14.44 3.24
CA GLY A 464 11.72 -15.55 3.85
C GLY A 464 10.36 -15.17 4.40
N ARG A 465 9.54 -16.20 4.62
CA ARG A 465 8.25 -16.05 5.27
C ARG A 465 7.85 -17.42 5.82
N GLY A 466 6.98 -17.40 6.82
CA GLY A 466 6.44 -18.65 7.36
C GLY A 466 5.35 -18.36 8.37
N PHE A 467 4.72 -19.42 8.84
CA PHE A 467 3.70 -19.31 9.88
C PHE A 467 4.28 -19.64 11.24
N GLY A 468 3.65 -19.11 12.28
CA GLY A 468 4.16 -19.30 13.63
C GLY A 468 5.22 -18.28 13.99
N ASN A 469 6.10 -18.67 14.91
CA ASN A 469 7.14 -17.79 15.44
C ASN A 469 8.44 -17.98 14.66
N PHE A 470 9.00 -16.88 14.15
CA PHE A 470 10.31 -16.90 13.50
C PHE A 470 11.34 -17.54 14.41
N ASP A 471 12.09 -18.49 13.86
CA ASP A 471 13.21 -19.15 14.54
C ASP A 471 14.52 -18.64 13.95
N LYS A 472 15.20 -17.73 14.66
CA LYS A 472 16.39 -17.08 14.12
C LYS A 472 17.55 -18.04 13.85
N ASP A 473 17.52 -19.24 14.43
CA ASP A 473 18.58 -20.22 14.25
C ASP A 473 18.22 -21.29 13.22
N LYS A 474 17.04 -21.21 12.61
CA LYS A 474 16.67 -22.28 11.67
C LYS A 474 16.00 -21.75 10.41
N ASP A 475 15.14 -20.74 10.53
CA ASP A 475 14.44 -20.27 9.34
C ASP A 475 15.36 -19.63 8.30
N PRO A 476 16.45 -18.91 8.67
CA PRO A 476 17.32 -18.36 7.62
C PRO A 476 17.91 -19.43 6.70
N ALA A 477 17.99 -20.67 7.17
CA ALA A 477 18.62 -21.73 6.37
C ALA A 477 17.89 -21.99 5.07
N THR A 478 16.61 -21.58 4.98
CA THR A 478 15.86 -21.78 3.74
C THR A 478 15.41 -20.47 3.12
N TYR A 479 16.03 -19.34 3.50
CA TYR A 479 15.80 -18.09 2.80
C TYR A 479 16.09 -18.22 1.31
N ASN A 480 15.38 -17.42 0.51
CA ASN A 480 15.68 -17.27 -0.91
C ASN A 480 16.67 -16.12 -1.05
N LEU A 481 17.95 -16.45 -1.27
CA LEU A 481 18.99 -15.46 -1.44
C LEU A 481 19.34 -15.25 -2.90
N VAL A 482 18.56 -15.79 -3.82
CA VAL A 482 18.88 -15.76 -5.24
C VAL A 482 17.96 -14.83 -6.02
N ASP A 483 16.64 -15.09 -6.00
CA ASP A 483 15.68 -14.20 -6.65
C ASP A 483 14.48 -13.88 -5.76
N PRO A 484 14.71 -13.46 -4.51
CA PRO A 484 13.58 -13.04 -3.69
C PRO A 484 12.91 -11.84 -4.33
N PRO A 485 11.59 -11.71 -4.19
CA PRO A 485 10.92 -10.57 -4.82
C PRO A 485 11.36 -9.28 -4.15
N TYR A 486 11.46 -8.22 -4.94
CA TYR A 486 11.93 -6.91 -4.51
C TYR A 486 10.69 -6.02 -4.41
N GLN A 487 10.21 -5.76 -3.20
CA GLN A 487 8.94 -5.10 -2.98
C GLN A 487 9.12 -3.86 -2.12
N ASN A 488 8.10 -2.98 -2.13
CA ASN A 488 8.05 -1.91 -1.15
C ASN A 488 6.99 -2.16 -0.07
N THR A 489 6.07 -3.09 -0.30
CA THR A 489 5.06 -3.49 0.66
C THR A 489 4.98 -5.01 0.67
N VAL A 490 5.13 -5.62 1.86
CA VAL A 490 5.13 -7.07 2.01
C VAL A 490 3.92 -7.48 2.85
N SER A 491 3.16 -8.45 2.36
CA SER A 491 2.12 -9.08 3.20
C SER A 491 2.78 -9.98 4.22
N VAL A 492 2.83 -9.55 5.47
CA VAL A 492 3.29 -10.46 6.53
C VAL A 492 2.20 -11.51 6.77
N PRO A 493 2.53 -12.81 6.82
CA PRO A 493 1.49 -13.83 6.93
C PRO A 493 0.63 -13.68 8.17
N THR A 494 -0.64 -14.03 8.02
CA THR A 494 -1.54 -14.17 9.16
C THR A 494 -0.96 -15.11 10.20
N GLY A 495 -0.72 -14.57 11.40
CA GLY A 495 -0.11 -15.40 12.45
C GLY A 495 1.25 -15.93 12.06
N GLY A 496 2.06 -15.11 11.39
CA GLY A 496 3.33 -15.55 10.87
C GLY A 496 4.37 -14.45 10.80
N TRP A 497 5.38 -14.64 9.97
CA TRP A 497 6.53 -13.73 9.90
C TRP A 497 6.99 -13.61 8.46
N ALA A 498 7.68 -12.50 8.18
CA ALA A 498 8.33 -12.29 6.90
C ALA A 498 9.65 -11.59 7.15
N ALA A 499 10.72 -12.06 6.50
CA ALA A 499 12.05 -11.49 6.63
C ALA A 499 12.43 -10.73 5.36
N MET A 500 12.98 -9.53 5.51
CA MET A 500 13.45 -8.80 4.34
C MET A 500 14.83 -8.20 4.63
N ARG A 501 15.54 -7.83 3.56
CA ARG A 501 16.87 -7.24 3.67
C ARG A 501 16.98 -6.03 2.76
N PHE A 502 17.74 -5.04 3.18
CA PHE A 502 18.02 -3.92 2.29
C PHE A 502 19.24 -3.17 2.79
N ARG A 503 19.93 -2.50 1.87
CA ARG A 503 21.01 -1.58 2.19
C ARG A 503 20.42 -0.20 2.43
N ALA A 504 20.67 0.36 3.62
CA ALA A 504 20.16 1.67 3.99
C ALA A 504 21.08 2.73 3.39
N ALA A 505 20.99 2.87 2.07
CA ALA A 505 21.83 3.78 1.30
C ALA A 505 21.03 4.92 0.70
N ASN A 506 20.05 5.44 1.45
CA ASN A 506 19.28 6.61 1.03
C ASN A 506 19.22 7.54 2.23
N PRO A 507 19.99 8.62 2.23
CA PRO A 507 20.07 9.48 3.43
C PRO A 507 18.80 10.29 3.59
N GLY A 508 18.21 10.24 4.78
CA GLY A 508 16.95 10.93 4.97
C GLY A 508 16.16 10.31 6.11
N VAL A 509 14.86 10.61 6.10
CA VAL A 509 13.92 10.29 7.19
C VAL A 509 12.77 9.50 6.55
N TRP A 510 12.63 8.23 6.91
CA TRP A 510 11.83 7.32 6.10
C TRP A 510 10.80 6.56 6.95
N PHE A 511 9.54 6.78 6.64
CA PHE A 511 8.43 6.18 7.39
C PHE A 511 8.31 4.68 7.10
N MET A 512 8.03 3.90 8.15
CA MET A 512 7.71 2.49 7.95
C MET A 512 6.41 2.21 8.68
N HIS A 513 5.45 1.61 7.97
CA HIS A 513 4.14 1.48 8.59
C HIS A 513 3.32 0.37 7.95
N CYS A 514 2.39 -0.18 8.72
CA CYS A 514 1.34 -1.00 8.12
C CYS A 514 0.51 -0.13 7.18
N HIS A 515 0.15 -0.68 6.02
CA HIS A 515 -0.59 0.11 5.03
C HIS A 515 -2.11 -0.02 5.17
N PHE A 516 -2.60 -0.63 6.25
CA PHE A 516 -3.97 -0.44 6.70
C PHE A 516 -4.02 0.87 7.47
N ASP A 517 -4.79 1.86 6.97
CA ASP A 517 -4.75 3.19 7.55
C ASP A 517 -5.16 3.21 9.02
N ARG A 518 -6.15 2.39 9.39
CA ARG A 518 -6.52 2.37 10.80
C ARG A 518 -5.36 1.94 11.68
N HIS A 519 -4.55 0.98 11.21
CA HIS A 519 -3.35 0.60 11.96
C HIS A 519 -2.29 1.70 11.94
N THR A 520 -2.15 2.43 10.82
CA THR A 520 -1.22 3.56 10.79
C THR A 520 -1.56 4.58 11.87
N VAL A 521 -2.82 5.02 11.94
CA VAL A 521 -3.18 6.03 12.91
C VAL A 521 -3.11 5.46 14.33
N TRP A 522 -3.41 4.18 14.52
CA TRP A 522 -3.31 3.55 15.84
C TRP A 522 -1.86 3.37 16.31
N GLY A 523 -0.89 3.44 15.39
CA GLY A 523 0.52 3.53 15.81
C GLY A 523 1.41 2.37 15.40
N MET A 524 0.98 1.58 14.42
CA MET A 524 1.77 0.48 13.88
C MET A 524 2.83 1.00 12.90
N ASP A 525 3.70 1.87 13.41
CA ASP A 525 4.64 2.66 12.60
C ASP A 525 5.95 2.88 13.35
N THR A 526 7.01 3.13 12.60
CA THR A 526 8.19 3.78 13.15
C THR A 526 8.86 4.56 12.02
N VAL A 527 10.07 5.07 12.29
CA VAL A 527 10.80 5.87 11.31
C VAL A 527 12.27 5.43 11.31
N PHE A 528 12.87 5.32 10.12
CA PHE A 528 14.32 5.13 9.97
C PHE A 528 14.94 6.47 9.57
N ILE A 529 15.90 6.95 10.34
CA ILE A 529 16.72 8.08 9.95
C ILE A 529 18.05 7.53 9.46
N VAL A 530 18.34 7.69 8.18
CA VAL A 530 19.60 7.22 7.60
C VAL A 530 20.53 8.42 7.53
N LYS A 531 21.58 8.40 8.35
CA LYS A 531 22.51 9.53 8.44
C LYS A 531 23.30 9.67 7.15
N ASN A 532 23.88 10.86 6.97
CA ASN A 532 24.71 11.09 5.80
C ASN A 532 25.93 10.19 5.84
N GLY A 533 26.35 9.73 4.67
CA GLY A 533 27.61 9.06 4.51
C GLY A 533 28.70 10.01 4.05
N LYS A 534 29.73 9.44 3.44
CA LYS A 534 30.87 10.22 2.98
C LYS A 534 30.73 10.45 1.49
N GLY A 535 30.97 11.69 1.06
CA GLY A 535 30.80 12.03 -0.33
C GLY A 535 29.47 12.73 -0.55
N PRO A 536 29.40 13.52 -1.62
CA PRO A 536 28.16 14.28 -1.88
C PRO A 536 26.98 13.40 -2.28
N ASP A 537 27.25 12.24 -2.89
CA ASP A 537 26.16 11.33 -3.25
C ASP A 537 25.51 10.66 -2.05
N ALA A 538 26.13 10.76 -0.87
CA ALA A 538 25.58 10.18 0.35
C ALA A 538 25.05 11.24 1.30
N GLN A 539 24.78 12.45 0.81
CA GLN A 539 24.29 13.56 1.62
C GLN A 539 22.82 13.81 1.33
N MET A 540 22.03 13.95 2.39
CA MET A 540 20.66 14.39 2.23
C MET A 540 20.63 15.77 1.57
N MET A 541 19.66 15.97 0.65
CA MET A 541 19.51 17.29 0.03
C MET A 541 19.17 18.35 1.08
N PRO A 542 19.47 19.60 0.80
CA PRO A 542 19.10 20.66 1.74
C PRO A 542 17.60 20.89 1.72
N ARG A 543 17.13 21.54 2.78
CA ARG A 543 15.72 21.87 2.94
C ARG A 543 15.26 22.86 1.87
N PRO A 544 14.20 22.56 1.11
CA PRO A 544 13.74 23.51 0.11
C PRO A 544 13.24 24.77 0.77
N PRO A 545 13.30 25.91 0.07
CA PRO A 545 12.98 27.20 0.72
C PRO A 545 11.55 27.34 1.20
N ASN A 546 10.59 26.68 0.57
CA ASN A 546 9.22 26.95 1.01
C ASN A 546 8.54 25.75 1.64
N MET A 547 9.20 25.07 2.59
CA MET A 547 8.53 23.98 3.27
C MET A 547 7.35 24.53 4.08
N PRO A 548 6.24 23.81 4.14
CA PRO A 548 5.14 24.23 5.03
C PRO A 548 5.62 24.40 6.47
N LYS A 549 5.12 25.43 7.12
CA LYS A 549 5.48 25.72 8.49
C LYS A 549 4.71 24.82 9.44
N CYS A 550 5.35 24.46 10.54
CA CYS A 550 4.73 23.65 11.57
C CYS A 550 4.04 24.54 12.61
#